data_5MZL
#
_entry.id   5MZL
#
_cell.length_a   97.942
_cell.length_b   97.942
_cell.length_c   80.162
_cell.angle_alpha   90.00
_cell.angle_beta   90.00
_cell.angle_gamma   120.00
#
_symmetry.space_group_name_H-M   'P 65'
#
loop_
_entity.id
_entity.type
_entity.pdbx_description
1 polymer 'Serine/threonine-protein kinase pim-1'
2 polymer Pimtide
3 non-polymer ~{N}-quinolin-5-ylpyridine-3-carboxamide
4 non-polymer GLYCEROL
5 water water
#
loop_
_entity_poly.entity_id
_entity_poly.type
_entity_poly.pdbx_seq_one_letter_code
_entity_poly.pdbx_strand_id
1 'polypeptide(L)'
;MLLSKINSLAHLRAAPCNDLHATKLAPGKEKEPLESQYQVGPLLGSGGFGSVYSGIRVSDNLPVAIKHVEKDRISDWGEL
PNGTRVPMEVVLLKKVSSGFSGVIRLLDWFERPDSFVLILERPEPVQDLFDFITERGALQEELARSFFWQVLEAVRHCHN
CGVLHRDIKDENILIDLNRGELKLIDFGSGALLKDTVYTDFDGTRVYSPPEWIRYHRYHGRSAAVWSLGILLYDMVCGDI
PFEHDEEIIGGQVFFRQRVSSECQHLIRWCLALRPSDRPTFEEIQNHPWMQDVLLPQETAEIHLHSLSPGPSK
;
A
2 'polypeptide(L)' ARKRRRHPSGPPTA B
#
loop_
_chem_comp.id
_chem_comp.type
_chem_comp.name
_chem_comp.formula
8ET non-polymer ~{N}-quinolin-5-ylpyridine-3-carboxamide 'C15 H11 N3 O'
GOL non-polymer GLYCEROL 'C3 H8 O3'
#
# COMPACT_ATOMS: atom_id res chain seq x y z
N PRO A 33 -5.68 -6.98 29.08
CA PRO A 33 -7.10 -6.61 29.13
C PRO A 33 -7.50 -5.65 28.01
N LEU A 34 -7.84 -6.20 26.85
CA LEU A 34 -8.25 -5.37 25.71
C LEU A 34 -9.74 -5.05 25.74
N GLU A 35 -10.57 -5.98 26.22
CA GLU A 35 -12.01 -5.73 26.28
C GLU A 35 -12.34 -4.57 27.21
N SER A 36 -11.47 -4.24 28.16
CA SER A 36 -11.71 -3.14 29.09
C SER A 36 -10.96 -1.87 28.71
N GLN A 37 -9.95 -1.96 27.86
CA GLN A 37 -9.15 -0.81 27.48
C GLN A 37 -9.63 -0.13 26.21
N TYR A 38 -10.55 -0.74 25.47
CA TYR A 38 -11.03 -0.19 24.20
C TYR A 38 -12.53 -0.38 24.08
N GLN A 39 -13.21 0.65 23.56
CA GLN A 39 -14.62 0.56 23.21
C GLN A 39 -14.73 0.21 21.73
N VAL A 40 -15.42 -0.88 21.43
CA VAL A 40 -15.45 -1.45 20.09
C VAL A 40 -16.68 -0.92 19.35
N GLY A 41 -16.45 -0.41 18.14
CA GLY A 41 -17.52 0.12 17.32
C GLY A 41 -17.93 -0.84 16.24
N PRO A 42 -18.33 -0.32 15.07
CA PRO A 42 -18.78 -1.18 13.98
C PRO A 42 -17.63 -1.66 13.10
N LEU A 43 -17.94 -2.65 12.28
CA LEU A 43 -16.99 -3.17 11.31
C LEU A 43 -16.52 -2.07 10.37
N LEU A 44 -15.24 -2.13 10.02
CA LEU A 44 -14.68 -1.33 8.93
C LEU A 44 -14.47 -2.13 7.66
N GLY A 45 -14.38 -3.45 7.77
CA GLY A 45 -14.14 -4.32 6.63
C GLY A 45 -13.58 -5.64 7.07
N SER A 46 -13.48 -6.56 6.13
CA SER A 46 -12.93 -7.89 6.39
C SER A 46 -12.48 -8.56 5.10
N SER A 51 -11.18 -8.90 9.42
CA SER A 51 -12.11 -8.36 10.41
C SER A 51 -11.51 -7.18 11.15
N VAL A 52 -11.86 -5.98 10.70
CA VAL A 52 -11.37 -4.73 11.27
C VAL A 52 -12.57 -3.94 11.76
N TYR A 53 -12.54 -3.54 13.03
CA TYR A 53 -13.60 -2.77 13.65
C TYR A 53 -13.10 -1.37 13.96
N SER A 54 -14.01 -0.41 13.89
CA SER A 54 -13.74 0.91 14.43
C SER A 54 -13.77 0.85 15.95
N GLY A 55 -12.96 1.70 16.58
CA GLY A 55 -12.86 1.64 18.02
C GLY A 55 -12.38 2.95 18.59
N ILE A 56 -12.36 2.99 19.92
CA ILE A 56 -11.93 4.15 20.67
C ILE A 56 -11.17 3.66 21.90
N ARG A 57 -10.02 4.27 22.17
CA ARG A 57 -9.25 3.92 23.36
C ARG A 57 -9.87 4.62 24.57
N VAL A 58 -10.38 3.83 25.51
CA VAL A 58 -11.07 4.40 26.68
C VAL A 58 -10.15 5.34 27.44
N SER A 59 -8.84 5.07 27.44
CA SER A 59 -7.91 5.86 28.23
C SER A 59 -7.97 7.34 27.85
N ASP A 60 -8.15 7.63 26.56
CA ASP A 60 -8.11 9.02 26.12
C ASP A 60 -9.00 9.30 24.90
N ASN A 61 -9.95 8.43 24.59
CA ASN A 61 -10.89 8.64 23.48
C ASN A 61 -10.16 8.74 22.14
N LEU A 62 -9.00 8.10 22.02
CA LEU A 62 -8.29 8.09 20.75
C LEU A 62 -9.02 7.17 19.77
N PRO A 63 -9.30 7.61 18.54
CA PRO A 63 -9.90 6.69 17.56
C PRO A 63 -8.88 5.67 17.09
N VAL A 64 -9.29 4.41 17.06
CA VAL A 64 -8.43 3.31 16.65
C VAL A 64 -9.20 2.37 15.74
N ALA A 65 -8.45 1.58 14.98
CA ALA A 65 -8.99 0.44 14.25
C ALA A 65 -8.50 -0.83 14.93
N ILE A 66 -9.41 -1.78 15.09
CA ILE A 66 -9.16 -3.01 15.84
C ILE A 66 -9.23 -4.17 14.86
N LYS A 67 -8.08 -4.78 14.57
CA LYS A 67 -7.98 -5.83 13.57
C LYS A 67 -7.79 -7.18 14.26
N HIS A 68 -8.65 -8.14 13.91
CA HIS A 68 -8.63 -9.49 14.45
C HIS A 68 -8.12 -10.45 13.38
N VAL A 69 -7.20 -11.32 13.76
CA VAL A 69 -6.64 -12.32 12.86
C VAL A 69 -6.68 -13.67 13.57
N GLU A 70 -7.26 -14.68 12.91
CA GLU A 70 -7.32 -16.02 13.46
C GLU A 70 -5.96 -16.70 13.33
N LYS A 71 -5.53 -17.33 14.43
CA LYS A 71 -4.25 -18.04 14.40
C LYS A 71 -4.24 -19.11 13.32
N ASP A 72 -5.38 -19.77 13.10
CA ASP A 72 -5.42 -20.87 12.13
C ASP A 72 -5.13 -20.39 10.72
N ARG A 73 -5.41 -19.12 10.42
CA ARG A 73 -5.23 -18.57 9.10
C ARG A 73 -3.88 -17.90 8.89
N ILE A 74 -3.04 -17.83 9.92
CA ILE A 74 -1.74 -17.18 9.81
C ILE A 74 -0.76 -18.19 9.24
N SER A 75 -0.22 -17.89 8.06
CA SER A 75 0.76 -18.76 7.41
C SER A 75 2.20 -18.34 7.69
N ASP A 76 2.43 -17.08 8.06
CA ASP A 76 3.77 -16.54 8.22
C ASP A 76 3.94 -16.06 9.66
N TRP A 77 4.89 -16.68 10.37
CA TRP A 77 5.14 -16.38 11.77
C TRP A 77 6.54 -15.82 11.94
N GLY A 78 6.66 -14.90 12.90
CA GLY A 78 7.94 -14.28 13.22
C GLY A 78 8.17 -14.27 14.72
N GLU A 79 9.30 -13.70 15.10
CA GLU A 79 9.69 -13.58 16.50
C GLU A 79 10.02 -12.12 16.80
N LEU A 80 9.51 -11.64 17.94
CA LEU A 80 9.80 -10.30 18.38
C LEU A 80 11.20 -10.24 19.01
N PRO A 81 11.72 -9.04 19.23
CA PRO A 81 12.97 -8.93 20.01
C PRO A 81 12.92 -9.68 21.32
N ASN A 82 11.74 -9.76 21.95
CA ASN A 82 11.58 -10.49 23.20
C ASN A 82 11.52 -12.00 23.00
N GLY A 83 11.61 -12.48 21.76
CA GLY A 83 11.47 -13.89 21.47
C GLY A 83 10.04 -14.37 21.37
N THR A 84 9.05 -13.54 21.71
CA THR A 84 7.66 -13.93 21.59
C THR A 84 7.33 -14.26 20.13
N ARG A 85 6.56 -15.32 19.93
CA ARG A 85 6.19 -15.79 18.60
C ARG A 85 4.90 -15.09 18.18
N VAL A 86 4.98 -14.24 17.17
CA VAL A 86 3.83 -13.46 16.72
C VAL A 86 3.71 -13.61 15.21
N PRO A 87 2.52 -13.34 14.66
CA PRO A 87 2.40 -13.30 13.19
C PRO A 87 3.39 -12.31 12.61
N MET A 88 3.86 -12.62 11.40
CA MET A 88 4.81 -11.74 10.72
C MET A 88 4.25 -10.32 10.58
N GLU A 89 2.93 -10.19 10.41
CA GLU A 89 2.34 -8.87 10.26
C GLU A 89 2.63 -7.99 11.47
N VAL A 90 2.63 -8.58 12.67
CA VAL A 90 3.00 -7.82 13.86
C VAL A 90 4.46 -7.40 13.81
N VAL A 91 5.35 -8.33 13.43
CA VAL A 91 6.78 -8.00 13.32
C VAL A 91 6.98 -6.82 12.38
N LEU A 92 6.36 -6.88 11.20
CA LEU A 92 6.56 -5.84 10.20
C LEU A 92 6.00 -4.51 10.66
N LEU A 93 4.79 -4.53 11.21
CA LEU A 93 4.18 -3.29 11.68
C LEU A 93 5.02 -2.62 12.75
N LYS A 94 5.53 -3.40 13.69
CA LYS A 94 6.35 -2.81 14.74
C LYS A 94 7.59 -2.15 14.13
N LYS A 95 8.18 -2.76 13.10
CA LYS A 95 9.38 -2.19 12.50
C LYS A 95 9.11 -0.86 11.81
N VAL A 96 7.91 -0.66 11.26
CA VAL A 96 7.62 0.57 10.53
C VAL A 96 6.88 1.61 11.37
N SER A 97 6.48 1.28 12.60
CA SER A 97 5.57 2.12 13.36
C SER A 97 6.28 3.09 14.31
N SER A 98 7.60 3.19 14.23
CA SER A 98 8.34 4.13 15.07
C SER A 98 8.47 5.48 14.35
N GLY A 99 8.08 6.55 15.05
CA GLY A 99 8.10 7.88 14.46
C GLY A 99 6.94 8.09 13.50
N PHE A 100 6.90 9.29 12.94
CA PHE A 100 5.88 9.65 11.97
C PHE A 100 6.22 9.08 10.59
N SER A 101 5.20 8.73 9.83
CA SER A 101 5.40 8.20 8.48
C SER A 101 4.04 8.10 7.80
N GLY A 102 4.08 7.72 6.53
CA GLY A 102 2.87 7.49 5.78
C GLY A 102 2.36 6.06 5.88
N VAL A 103 2.46 5.48 7.07
CA VAL A 103 1.93 4.14 7.34
C VAL A 103 0.97 4.23 8.51
N ILE A 104 -0.15 3.50 8.42
CA ILE A 104 -1.01 3.34 9.58
C ILE A 104 -0.24 2.57 10.63
N ARG A 105 -0.03 3.19 11.78
CA ARG A 105 0.88 2.66 12.80
C ARG A 105 0.16 1.69 13.74
N LEU A 106 0.91 0.69 14.19
CA LEU A 106 0.44 -0.23 15.22
C LEU A 106 0.66 0.39 16.59
N LEU A 107 -0.41 0.52 17.37
CA LEU A 107 -0.32 1.11 18.70
C LEU A 107 -0.16 0.06 19.78
N ASP A 108 -0.67 -1.14 19.56
CA ASP A 108 -0.65 -2.19 20.57
C ASP A 108 -1.18 -3.46 19.92
N TRP A 109 -0.96 -4.58 20.59
CA TRP A 109 -1.49 -5.86 20.13
C TRP A 109 -1.70 -6.77 21.32
N PHE A 110 -2.61 -7.72 21.16
CA PHE A 110 -2.96 -8.67 22.21
C PHE A 110 -3.05 -10.06 21.60
N GLU A 111 -2.71 -11.06 22.39
CA GLU A 111 -2.90 -12.45 22.00
C GLU A 111 -4.09 -13.03 22.74
N ARG A 112 -4.99 -13.65 22.00
CA ARG A 112 -6.11 -14.41 22.53
C ARG A 112 -5.92 -15.89 22.23
N PRO A 113 -6.75 -16.76 22.82
CA PRO A 113 -6.56 -18.20 22.59
C PRO A 113 -6.47 -18.59 21.12
N ASP A 114 -7.38 -18.07 20.29
CA ASP A 114 -7.44 -18.48 18.88
C ASP A 114 -7.16 -17.34 17.92
N SER A 115 -6.69 -16.19 18.39
CA SER A 115 -6.53 -15.04 17.50
C SER A 115 -5.52 -14.07 18.07
N PHE A 116 -5.09 -13.15 17.21
CA PHE A 116 -4.35 -11.96 17.61
C PHE A 116 -5.19 -10.72 17.30
N VAL A 117 -5.06 -9.71 18.15
CA VAL A 117 -5.80 -8.47 17.98
C VAL A 117 -4.78 -7.34 17.86
N LEU A 118 -4.90 -6.55 16.80
CA LEU A 118 -3.99 -5.45 16.50
C LEU A 118 -4.73 -4.14 16.66
N ILE A 119 -4.14 -3.22 17.42
CA ILE A 119 -4.69 -1.87 17.61
C ILE A 119 -3.94 -0.93 16.69
N LEU A 120 -4.65 -0.32 15.76
CA LEU A 120 -4.06 0.51 14.71
C LEU A 120 -4.60 1.93 14.82
N GLU A 121 -3.83 2.87 14.27
CA GLU A 121 -4.32 4.23 14.12
C GLU A 121 -5.58 4.23 13.26
N ARG A 122 -6.47 5.19 13.53
CA ARG A 122 -7.64 5.41 12.69
C ARG A 122 -7.83 6.90 12.48
N PRO A 123 -7.18 7.48 11.48
CA PRO A 123 -7.46 8.87 11.12
C PRO A 123 -8.87 9.01 10.59
N GLU A 124 -9.38 10.24 10.68
CA GLU A 124 -10.72 10.54 10.21
C GLU A 124 -10.81 12.03 9.84
N PRO A 125 -11.54 12.34 8.77
CA PRO A 125 -12.22 11.43 7.86
C PRO A 125 -11.26 10.82 6.84
N VAL A 126 -11.51 9.59 6.42
CA VAL A 126 -10.66 8.91 5.46
C VAL A 126 -11.50 8.30 4.36
N GLN A 127 -10.87 8.12 3.21
CA GLN A 127 -11.39 7.30 2.12
C GLN A 127 -10.21 6.58 1.51
N ASP A 128 -10.41 5.30 1.17
CA ASP A 128 -9.30 4.60 0.55
C ASP A 128 -9.20 5.03 -0.91
N LEU A 129 -8.01 4.86 -1.46
CA LEU A 129 -7.73 5.41 -2.78
C LEU A 129 -8.51 4.70 -3.87
N PHE A 130 -8.88 3.43 -3.64
CA PHE A 130 -9.70 2.74 -4.63
C PHE A 130 -11.06 3.41 -4.78
N ASP A 131 -11.75 3.67 -3.65
CA ASP A 131 -13.04 4.33 -3.71
C ASP A 131 -12.90 5.76 -4.23
N PHE A 132 -11.81 6.43 -3.86
CA PHE A 132 -11.58 7.80 -4.33
C PHE A 132 -11.51 7.84 -5.85
N ILE A 133 -10.72 6.95 -6.45
CA ILE A 133 -10.58 6.93 -7.90
C ILE A 133 -11.88 6.48 -8.56
N THR A 134 -12.59 5.52 -7.95
CA THR A 134 -13.88 5.13 -8.49
C THR A 134 -14.82 6.32 -8.58
N GLU A 135 -14.92 7.09 -7.49
CA GLU A 135 -15.88 8.19 -7.45
C GLU A 135 -15.45 9.36 -8.32
N ARG A 136 -14.15 9.62 -8.45
CA ARG A 136 -13.70 10.82 -9.13
C ARG A 136 -13.13 10.56 -10.52
N GLY A 137 -12.91 9.30 -10.90
CA GLY A 137 -12.32 9.00 -12.19
C GLY A 137 -10.84 9.27 -12.20
N ALA A 138 -10.28 9.31 -13.41
CA ALA A 138 -8.86 9.60 -13.60
C ALA A 138 -8.49 10.90 -12.89
N LEU A 139 -7.40 10.87 -12.14
CA LEU A 139 -6.98 12.02 -11.35
C LEU A 139 -6.15 12.98 -12.20
N GLN A 140 -6.33 14.28 -11.95
CA GLN A 140 -5.44 15.28 -12.52
C GLN A 140 -4.00 14.93 -12.17
N GLU A 141 -3.08 15.23 -13.09
CA GLU A 141 -1.70 14.81 -12.89
C GLU A 141 -1.06 15.49 -11.68
N GLU A 142 -1.44 16.74 -11.39
CA GLU A 142 -0.95 17.40 -10.19
C GLU A 142 -1.32 16.62 -8.93
N LEU A 143 -2.56 16.10 -8.89
CA LEU A 143 -3.02 15.32 -7.75
C LEU A 143 -2.37 13.94 -7.73
N ALA A 144 -2.31 13.27 -8.89
CA ALA A 144 -1.62 11.99 -8.96
C ALA A 144 -0.16 12.13 -8.54
N ARG A 145 0.48 13.24 -8.93
CA ARG A 145 1.87 13.46 -8.54
C ARG A 145 2.01 13.53 -7.02
N SER A 146 1.13 14.29 -6.37
CA SER A 146 1.20 14.42 -4.92
C SER A 146 0.96 13.07 -4.24
N PHE A 147 -0.08 12.35 -4.68
CA PHE A 147 -0.35 11.03 -4.11
C PHE A 147 0.81 10.08 -4.36
N PHE A 148 1.29 10.00 -5.60
CA PHE A 148 2.34 9.06 -5.93
C PHE A 148 3.61 9.36 -5.13
N TRP A 149 3.93 10.64 -4.97
CA TRP A 149 5.10 11.04 -4.20
C TRP A 149 5.00 10.55 -2.77
N GLN A 150 3.84 10.74 -2.15
CA GLN A 150 3.66 10.32 -0.77
C GLN A 150 3.75 8.80 -0.63
N VAL A 151 3.23 8.06 -1.61
CA VAL A 151 3.35 6.60 -1.56
C VAL A 151 4.81 6.20 -1.67
N LEU A 152 5.56 6.85 -2.57
CA LEU A 152 6.99 6.55 -2.69
C LEU A 152 7.71 6.80 -1.37
N GLU A 153 7.41 7.92 -0.70
CA GLU A 153 8.06 8.19 0.57
C GLU A 153 7.69 7.14 1.60
N ALA A 154 6.43 6.71 1.62
CA ALA A 154 5.99 5.67 2.55
C ALA A 154 6.69 4.34 2.26
N VAL A 155 6.81 3.98 0.98
CA VAL A 155 7.46 2.72 0.63
C VAL A 155 8.95 2.78 0.95
N ARG A 156 9.59 3.93 0.70
CA ARG A 156 10.99 4.09 1.10
C ARG A 156 11.14 3.91 2.60
N HIS A 157 10.19 4.43 3.37
CA HIS A 157 10.22 4.27 4.81
C HIS A 157 10.19 2.79 5.19
N CYS A 158 9.25 2.04 4.61
CA CYS A 158 9.18 0.61 4.87
C CYS A 158 10.52 -0.06 4.56
N HIS A 159 11.08 0.23 3.38
CA HIS A 159 12.31 -0.42 3.00
C HIS A 159 13.46 -0.02 3.92
N ASN A 160 13.50 1.24 4.33
CA ASN A 160 14.50 1.70 5.29
C ASN A 160 14.38 0.95 6.61
N CYS A 161 13.17 0.56 6.99
CA CYS A 161 12.93 -0.20 8.20
C CYS A 161 13.08 -1.70 8.01
N GLY A 162 13.47 -2.15 6.82
CA GLY A 162 13.66 -3.57 6.58
C GLY A 162 12.39 -4.34 6.24
N VAL A 163 11.37 -3.66 5.73
CA VAL A 163 10.05 -4.25 5.51
C VAL A 163 9.67 -4.11 4.04
N LEU A 164 9.19 -5.20 3.46
CA LEU A 164 8.67 -5.21 2.09
C LEU A 164 7.16 -5.45 2.15
N HIS A 165 6.38 -4.51 1.62
CA HIS A 165 4.93 -4.55 1.78
C HIS A 165 4.32 -5.68 0.94
N ARG A 166 4.68 -5.76 -0.34
CA ARG A 166 4.26 -6.81 -1.28
C ARG A 166 2.79 -6.75 -1.67
N ASP A 167 2.06 -5.69 -1.32
CA ASP A 167 0.66 -5.57 -1.75
C ASP A 167 0.30 -4.10 -1.91
N ILE A 168 1.19 -3.32 -2.52
CA ILE A 168 0.91 -1.93 -2.83
C ILE A 168 -0.18 -1.89 -3.90
N LYS A 169 -1.30 -1.24 -3.57
CA LYS A 169 -2.40 -1.04 -4.52
C LYS A 169 -3.31 0.04 -3.95
N ASP A 170 -4.23 0.54 -4.78
CA ASP A 170 -5.07 1.64 -4.31
C ASP A 170 -5.97 1.20 -3.15
N GLU A 171 -6.36 -0.07 -3.11
CA GLU A 171 -7.17 -0.56 -2.00
C GLU A 171 -6.45 -0.46 -0.66
N ASN A 172 -5.12 -0.49 -0.68
CA ASN A 172 -4.32 -0.50 0.54
C ASN A 172 -3.71 0.86 0.85
N ILE A 173 -4.31 1.94 0.34
CA ILE A 173 -3.87 3.30 0.60
C ILE A 173 -5.07 4.09 1.10
N LEU A 174 -4.93 4.70 2.27
CA LEU A 174 -5.97 5.58 2.83
C LEU A 174 -5.58 7.04 2.61
N ILE A 175 -6.57 7.86 2.30
CA ILE A 175 -6.40 9.31 2.13
C ILE A 175 -7.00 10.00 3.35
N ASP A 176 -6.17 10.73 4.10
CA ASP A 176 -6.69 11.65 5.12
C ASP A 176 -7.18 12.89 4.40
N LEU A 177 -8.50 13.00 4.27
CA LEU A 177 -9.09 14.03 3.42
C LEU A 177 -8.90 15.43 3.99
N ASN A 178 -8.73 15.57 5.30
CA ASN A 178 -8.51 16.90 5.87
C ASN A 178 -7.05 17.32 5.77
N ARG A 179 -6.13 16.38 5.93
CA ARG A 179 -4.70 16.70 5.98
C ARG A 179 -3.99 16.47 4.65
N GLY A 180 -4.63 15.81 3.68
CA GLY A 180 -3.98 15.53 2.42
C GLY A 180 -2.84 14.55 2.53
N GLU A 181 -2.88 13.65 3.52
CA GLU A 181 -1.83 12.67 3.76
C GLU A 181 -2.34 11.28 3.42
N LEU A 182 -1.48 10.50 2.77
CA LEU A 182 -1.78 9.12 2.40
C LEU A 182 -1.11 8.18 3.39
N LYS A 183 -1.78 7.07 3.70
CA LYS A 183 -1.30 6.09 4.68
C LYS A 183 -1.42 4.68 4.12
N LEU A 184 -0.34 3.91 4.21
CA LEU A 184 -0.33 2.52 3.77
C LEU A 184 -0.95 1.61 4.82
N ILE A 185 -1.74 0.62 4.35
CA ILE A 185 -2.39 -0.34 5.23
C ILE A 185 -2.15 -1.75 4.70
N ASP A 186 -2.50 -2.72 5.57
CA ASP A 186 -2.50 -4.15 5.27
C ASP A 186 -1.12 -4.69 4.92
N PHE A 187 -0.34 -4.99 5.96
CA PHE A 187 0.95 -5.65 5.83
C PHE A 187 0.83 -7.18 5.92
N GLY A 188 -0.38 -7.72 5.76
CA GLY A 188 -0.62 -9.14 5.90
C GLY A 188 0.02 -10.00 4.82
N SER A 189 0.48 -9.41 3.73
CA SER A 189 1.20 -10.13 2.69
C SER A 189 2.69 -9.82 2.67
N GLY A 190 3.16 -9.00 3.62
CA GLY A 190 4.50 -8.49 3.57
C GLY A 190 5.55 -9.51 3.98
N ALA A 191 6.80 -9.05 3.95
CA ALA A 191 7.92 -9.88 4.37
C ALA A 191 9.05 -8.98 4.82
N LEU A 192 10.00 -9.56 5.56
CA LEU A 192 11.25 -8.87 5.78
C LEU A 192 11.93 -8.65 4.44
N LEU A 193 12.47 -7.45 4.25
CA LEU A 193 13.20 -7.14 3.02
C LEU A 193 14.52 -7.89 2.99
N LYS A 194 14.82 -8.51 1.84
CA LYS A 194 16.09 -9.17 1.61
C LYS A 194 16.54 -8.88 0.20
N ASP A 195 17.81 -9.17 -0.08
CA ASP A 195 18.40 -8.94 -1.39
C ASP A 195 18.41 -10.20 -2.26
N THR A 196 17.99 -11.34 -1.71
CA THR A 196 17.93 -12.58 -2.46
C THR A 196 16.53 -12.77 -3.03
N VAL A 197 16.35 -13.84 -3.80
CA VAL A 197 15.12 -14.02 -4.56
C VAL A 197 13.98 -14.43 -3.65
N TYR A 198 12.78 -13.93 -3.95
CA TYR A 198 11.54 -14.41 -3.33
C TYR A 198 10.90 -15.43 -4.24
N THR A 199 10.40 -16.52 -3.67
CA THR A 199 9.71 -17.57 -4.41
C THR A 199 8.30 -17.82 -3.91
N ASP A 200 7.82 -17.04 -2.95
CA ASP A 200 6.45 -17.07 -2.48
C ASP A 200 5.83 -15.69 -2.64
N PHE A 201 4.50 -15.66 -2.82
CA PHE A 201 3.80 -14.40 -3.01
C PHE A 201 2.32 -14.61 -2.76
N ASP A 202 1.72 -13.74 -1.95
CA ASP A 202 0.28 -13.79 -1.66
C ASP A 202 -0.37 -12.42 -1.77
N GLY A 203 0.23 -11.51 -2.51
CA GLY A 203 -0.37 -10.21 -2.75
C GLY A 203 -1.40 -10.28 -3.87
N THR A 204 -1.63 -9.13 -4.49
CA THR A 204 -2.65 -9.00 -5.52
C THR A 204 -2.05 -9.30 -6.90
N ARG A 205 -2.59 -10.31 -7.57
CA ARG A 205 -1.95 -10.82 -8.79
C ARG A 205 -1.89 -9.76 -9.88
N VAL A 206 -2.93 -8.94 -10.03
CA VAL A 206 -2.94 -7.94 -11.10
C VAL A 206 -1.95 -6.81 -10.85
N TYR A 207 -1.37 -6.73 -9.65
CA TYR A 207 -0.26 -5.82 -9.39
C TYR A 207 1.08 -6.53 -9.37
N SER A 208 1.10 -7.86 -9.58
CA SER A 208 2.35 -8.61 -9.49
C SER A 208 3.10 -8.55 -10.81
N PRO A 209 4.43 -8.74 -10.78
CA PRO A 209 5.23 -8.49 -11.96
C PRO A 209 5.30 -9.71 -12.86
N PRO A 210 5.73 -9.52 -14.11
CA PRO A 210 5.77 -10.65 -15.05
C PRO A 210 6.72 -11.76 -14.65
N GLU A 211 7.84 -11.44 -13.99
CA GLU A 211 8.75 -12.49 -13.54
C GLU A 211 8.07 -13.40 -12.53
N TRP A 212 7.10 -12.89 -11.78
CA TRP A 212 6.33 -13.75 -10.89
C TRP A 212 5.34 -14.60 -11.68
N ILE A 213 4.59 -13.97 -12.59
CA ILE A 213 3.65 -14.70 -13.44
C ILE A 213 4.37 -15.82 -14.18
N ARG A 214 5.54 -15.53 -14.73
CA ARG A 214 6.23 -16.48 -15.60
C ARG A 214 6.99 -17.54 -14.82
N TYR A 215 7.80 -17.12 -13.84
CA TYR A 215 8.78 -17.99 -13.22
C TYR A 215 8.59 -18.18 -11.72
N HIS A 216 7.58 -17.57 -11.12
CA HIS A 216 7.37 -17.66 -9.68
C HIS A 216 8.60 -17.23 -8.90
N ARG A 217 9.27 -16.19 -9.40
CA ARG A 217 10.44 -15.61 -8.76
C ARG A 217 10.41 -14.10 -8.93
N TYR A 218 10.89 -13.38 -7.93
CA TYR A 218 11.06 -11.93 -8.04
C TYR A 218 12.00 -11.48 -6.95
N HIS A 219 12.55 -10.27 -7.14
CA HIS A 219 13.29 -9.58 -6.12
C HIS A 219 12.45 -8.43 -5.59
N GLY A 220 12.65 -8.10 -4.31
CA GLY A 220 11.74 -7.22 -3.60
C GLY A 220 11.56 -5.85 -4.22
N ARG A 221 12.67 -5.13 -4.41
CA ARG A 221 12.58 -3.73 -4.82
C ARG A 221 12.04 -3.58 -6.23
N SER A 222 12.50 -4.42 -7.15
CA SER A 222 12.04 -4.31 -8.53
C SER A 222 10.59 -4.75 -8.69
N ALA A 223 10.14 -5.68 -7.84
CA ALA A 223 8.73 -6.04 -7.82
C ALA A 223 7.88 -4.90 -7.27
N ALA A 224 8.38 -4.21 -6.23
CA ALA A 224 7.66 -3.06 -5.71
C ALA A 224 7.51 -1.98 -6.78
N VAL A 225 8.57 -1.73 -7.54
CA VAL A 225 8.52 -0.69 -8.57
C VAL A 225 7.48 -1.03 -9.64
N TRP A 226 7.38 -2.31 -10.01
CA TRP A 226 6.33 -2.71 -10.94
C TRP A 226 4.96 -2.34 -10.39
N SER A 227 4.66 -2.74 -9.15
CA SER A 227 3.35 -2.45 -8.58
C SER A 227 3.11 -0.95 -8.51
N LEU A 228 4.17 -0.16 -8.34
CA LEU A 228 4.03 1.29 -8.32
C LEU A 228 3.70 1.83 -9.71
N GLY A 229 4.23 1.23 -10.76
CA GLY A 229 3.82 1.61 -12.10
C GLY A 229 2.37 1.28 -12.37
N ILE A 230 1.91 0.11 -11.93
CA ILE A 230 0.49 -0.23 -12.01
C ILE A 230 -0.34 0.82 -11.28
N LEU A 231 0.11 1.23 -10.09
CA LEU A 231 -0.63 2.19 -9.29
C LEU A 231 -0.66 3.57 -9.96
N LEU A 232 0.45 4.00 -10.56
CA LEU A 232 0.45 5.31 -11.20
C LEU A 232 -0.49 5.34 -12.40
N TYR A 233 -0.45 4.30 -13.23
CA TYR A 233 -1.39 4.18 -14.32
C TYR A 233 -2.83 4.25 -13.80
N ASP A 234 -3.11 3.48 -12.74
CA ASP A 234 -4.42 3.48 -12.10
C ASP A 234 -4.87 4.90 -11.76
N MET A 235 -3.97 5.71 -11.20
CA MET A 235 -4.33 7.06 -10.79
C MET A 235 -4.65 7.95 -11.99
N VAL A 236 -3.80 7.94 -13.01
CA VAL A 236 -3.97 8.89 -14.11
C VAL A 236 -4.91 8.39 -15.20
N CYS A 237 -5.27 7.10 -15.19
CA CYS A 237 -6.21 6.57 -16.18
C CYS A 237 -7.54 6.12 -15.58
N GLY A 238 -7.65 6.00 -14.26
CA GLY A 238 -8.91 5.64 -13.65
C GLY A 238 -9.12 4.15 -13.42
N ASP A 239 -8.24 3.30 -13.92
CA ASP A 239 -8.25 1.89 -13.56
C ASP A 239 -6.90 1.29 -13.96
N ILE A 240 -6.62 0.11 -13.42
CA ILE A 240 -5.32 -0.55 -13.64
C ILE A 240 -5.22 -0.99 -15.10
N PRO A 241 -4.00 -1.14 -15.65
CA PRO A 241 -3.87 -1.44 -17.08
C PRO A 241 -4.14 -2.90 -17.43
N PHE A 242 -3.78 -3.83 -16.54
CA PHE A 242 -3.81 -5.26 -16.84
C PHE A 242 -4.79 -5.98 -15.94
N GLU A 243 -5.55 -6.91 -16.53
CA GLU A 243 -6.43 -7.79 -15.78
C GLU A 243 -6.07 -9.26 -15.95
N HIS A 244 -5.40 -9.65 -17.01
CA HIS A 244 -5.10 -11.04 -17.32
C HIS A 244 -3.61 -11.26 -17.39
N ASP A 245 -3.18 -12.51 -17.12
CA ASP A 245 -1.77 -12.83 -17.11
C ASP A 245 -1.10 -12.46 -18.43
N GLU A 246 -1.77 -12.70 -19.55
CA GLU A 246 -1.17 -12.43 -20.85
C GLU A 246 -0.87 -10.95 -21.02
N GLU A 247 -1.71 -10.07 -20.45
CA GLU A 247 -1.44 -8.64 -20.52
C GLU A 247 -0.25 -8.27 -19.64
N ILE A 248 -0.14 -8.86 -18.46
CA ILE A 248 0.98 -8.58 -17.56
C ILE A 248 2.30 -8.88 -18.24
N ILE A 249 2.41 -10.08 -18.85
CA ILE A 249 3.67 -10.46 -19.46
C ILE A 249 3.84 -9.86 -20.85
N GLY A 250 2.75 -9.37 -21.46
CA GLY A 250 2.83 -8.89 -22.84
C GLY A 250 3.79 -7.72 -23.02
N GLY A 251 3.77 -6.76 -22.09
CA GLY A 251 4.67 -5.64 -22.17
C GLY A 251 4.18 -4.47 -23.01
N GLN A 252 2.88 -4.31 -23.16
CA GLN A 252 2.31 -3.21 -23.95
C GLN A 252 1.35 -2.43 -23.06
N VAL A 253 1.59 -1.13 -22.94
CA VAL A 253 0.78 -0.25 -22.11
C VAL A 253 -0.01 0.67 -23.04
N PHE A 254 -1.32 0.46 -23.08
CA PHE A 254 -2.23 1.33 -23.82
C PHE A 254 -2.82 2.35 -22.85
N PHE A 255 -2.78 3.62 -23.23
CA PHE A 255 -3.31 4.69 -22.40
C PHE A 255 -4.72 5.04 -22.83
N ARG A 256 -5.68 4.80 -21.94
CA ARG A 256 -7.09 5.03 -22.19
C ARG A 256 -7.53 6.44 -21.84
N GLN A 257 -6.62 7.25 -21.31
CA GLN A 257 -6.89 8.62 -20.93
C GLN A 257 -5.73 9.48 -21.45
N ARG A 258 -6.00 10.78 -21.59
N ARG A 258 -6.00 10.78 -21.62
CA ARG A 258 -4.97 11.75 -21.94
CA ARG A 258 -4.94 11.71 -21.97
C ARG A 258 -3.95 11.85 -20.82
C ARG A 258 -3.96 11.80 -20.82
N VAL A 259 -2.72 11.42 -21.08
CA VAL A 259 -1.64 11.47 -20.09
C VAL A 259 -0.42 12.09 -20.75
N SER A 260 0.26 12.98 -20.02
CA SER A 260 1.41 13.68 -20.58
C SER A 260 2.47 12.66 -20.99
N SER A 261 3.32 13.07 -21.94
CA SER A 261 4.38 12.19 -22.41
C SER A 261 5.37 11.88 -21.30
N GLU A 262 5.60 12.84 -20.40
CA GLU A 262 6.54 12.60 -19.29
C GLU A 262 5.97 11.55 -18.34
N CYS A 263 4.68 11.62 -18.03
CA CYS A 263 4.06 10.63 -17.15
C CYS A 263 4.03 9.25 -17.81
N GLN A 264 3.67 9.19 -19.09
CA GLN A 264 3.71 7.91 -19.82
C GLN A 264 5.09 7.27 -19.74
N HIS A 265 6.14 8.09 -19.87
CA HIS A 265 7.49 7.54 -19.87
C HIS A 265 7.81 6.91 -18.50
N LEU A 266 7.46 7.61 -17.42
CA LEU A 266 7.70 7.05 -16.09
C LEU A 266 6.95 5.75 -15.90
N ILE A 267 5.67 5.71 -16.28
CA ILE A 267 4.88 4.49 -16.13
C ILE A 267 5.53 3.35 -16.90
N ARG A 268 5.85 3.59 -18.18
CA ARG A 268 6.41 2.53 -19.00
C ARG A 268 7.76 2.06 -18.46
N TRP A 269 8.51 2.96 -17.84
CA TRP A 269 9.80 2.59 -17.25
C TRP A 269 9.59 1.69 -16.04
N CYS A 270 8.66 2.06 -15.16
CA CYS A 270 8.32 1.20 -14.01
C CYS A 270 7.82 -0.16 -14.48
N LEU A 271 7.12 -0.21 -15.61
CA LEU A 271 6.57 -1.45 -16.13
C LEU A 271 7.47 -2.11 -17.17
N ALA A 272 8.77 -1.87 -17.11
CA ALA A 272 9.71 -2.62 -17.94
C ALA A 272 9.57 -4.11 -17.64
N LEU A 273 9.56 -4.93 -18.70
CA LEU A 273 9.43 -6.37 -18.51
C LEU A 273 10.64 -6.95 -17.77
N ARG A 274 11.83 -6.49 -18.10
CA ARG A 274 13.04 -6.97 -17.43
C ARG A 274 13.21 -6.22 -16.11
N PRO A 275 13.26 -6.92 -14.97
CA PRO A 275 13.36 -6.20 -13.69
C PRO A 275 14.53 -5.23 -13.61
N SER A 276 15.69 -5.60 -14.15
CA SER A 276 16.86 -4.75 -14.08
C SER A 276 16.72 -3.48 -14.92
N ASP A 277 15.74 -3.43 -15.82
CA ASP A 277 15.47 -2.22 -16.61
C ASP A 277 14.55 -1.23 -15.90
N ARG A 278 13.96 -1.61 -14.77
CA ARG A 278 13.08 -0.69 -14.06
C ARG A 278 13.89 0.32 -13.27
N PRO A 279 13.31 1.49 -12.98
CA PRO A 279 14.04 2.50 -12.21
C PRO A 279 14.12 2.13 -10.74
N THR A 280 15.15 2.66 -10.09
CA THR A 280 15.20 2.66 -8.64
C THR A 280 14.25 3.71 -8.09
N PHE A 281 14.01 3.67 -6.78
CA PHE A 281 13.18 4.70 -6.17
C PHE A 281 13.79 6.08 -6.34
N GLU A 282 15.13 6.17 -6.28
CA GLU A 282 15.80 7.44 -6.54
C GLU A 282 15.52 7.95 -7.94
N GLU A 283 15.58 7.07 -8.94
CA GLU A 283 15.33 7.49 -10.31
C GLU A 283 13.88 7.88 -10.52
N ILE A 284 12.94 7.23 -9.83
CA ILE A 284 11.54 7.64 -9.91
C ILE A 284 11.38 9.06 -9.38
N GLN A 285 11.87 9.31 -8.17
CA GLN A 285 11.66 10.62 -7.55
C GLN A 285 12.47 11.72 -8.21
N ASN A 286 13.52 11.38 -8.95
CA ASN A 286 14.26 12.35 -9.75
C ASN A 286 13.69 12.50 -11.16
N HIS A 287 12.66 11.72 -11.50
CA HIS A 287 12.10 11.79 -12.83
C HIS A 287 11.49 13.17 -13.06
N PRO A 288 11.58 13.71 -14.30
CA PRO A 288 11.02 15.06 -14.54
C PRO A 288 9.55 15.20 -14.17
N TRP A 289 8.74 14.16 -14.38
CA TRP A 289 7.31 14.25 -14.05
C TRP A 289 7.07 14.45 -12.57
N MET A 290 8.01 14.05 -11.71
CA MET A 290 7.82 14.07 -10.27
C MET A 290 8.22 15.39 -9.62
N GLN A 291 8.68 16.37 -10.38
CA GLN A 291 9.20 17.59 -9.78
C GLN A 291 8.07 18.56 -9.42
N ASP A 292 8.35 19.40 -8.42
CA ASP A 292 7.43 20.46 -7.99
C ASP A 292 6.14 19.88 -7.37
N VAL A 293 6.31 18.88 -6.51
CA VAL A 293 5.16 18.24 -5.89
C VAL A 293 4.47 19.21 -4.94
N LEU A 294 3.15 19.07 -4.81
CA LEU A 294 2.42 19.84 -3.81
C LEU A 294 2.71 19.31 -2.41
N LEU A 295 2.64 20.21 -1.43
CA LEU A 295 2.65 19.79 -0.04
C LEU A 295 1.33 19.11 0.31
N PRO A 296 1.31 18.28 1.35
CA PRO A 296 0.03 17.65 1.74
C PRO A 296 -1.09 18.64 2.00
N GLN A 297 -0.82 19.73 2.72
CA GLN A 297 -1.86 20.70 3.02
C GLN A 297 -2.36 21.40 1.77
N GLU A 298 -1.44 21.73 0.84
CA GLU A 298 -1.85 22.28 -0.44
C GLU A 298 -2.73 21.29 -1.20
N THR A 299 -2.35 20.01 -1.18
CA THR A 299 -3.14 18.98 -1.86
C THR A 299 -4.56 18.93 -1.30
N ALA A 300 -4.69 18.96 0.02
CA ALA A 300 -6.02 18.92 0.65
C ALA A 300 -6.85 20.13 0.26
N GLU A 301 -6.26 21.33 0.30
CA GLU A 301 -7.03 22.54 0.05
C GLU A 301 -7.42 22.67 -1.41
N ILE A 302 -6.53 22.26 -2.32
CA ILE A 302 -6.81 22.40 -3.75
C ILE A 302 -7.75 21.31 -4.23
N HIS A 303 -7.55 20.07 -3.80
CA HIS A 303 -8.19 18.92 -4.42
C HIS A 303 -9.15 18.15 -3.52
N LEU A 304 -9.06 18.27 -2.20
CA LEU A 304 -9.85 17.44 -1.30
C LEU A 304 -10.90 18.20 -0.51
N HIS A 305 -10.60 19.40 -0.03
CA HIS A 305 -11.57 20.18 0.74
C HIS A 305 -12.71 20.65 -0.16
N ARG B 2 -16.94 0.89 -18.46
CA ARG B 2 -16.09 -0.28 -18.25
C ARG B 2 -16.07 -0.68 -16.78
N LYS B 3 -16.10 -1.99 -16.52
CA LYS B 3 -16.18 -2.49 -15.16
C LYS B 3 -14.86 -2.32 -14.43
N ARG B 4 -14.91 -1.65 -13.27
CA ARG B 4 -13.78 -1.51 -12.38
C ARG B 4 -14.08 -2.30 -11.12
N ARG B 5 -13.12 -3.10 -10.67
CA ARG B 5 -13.37 -3.99 -9.54
C ARG B 5 -12.15 -4.07 -8.63
N ARG B 6 -12.41 -4.37 -7.36
CA ARG B 6 -11.36 -4.73 -6.42
C ARG B 6 -10.83 -6.12 -6.75
N HIS B 7 -9.62 -6.40 -6.28
CA HIS B 7 -8.97 -7.69 -6.51
C HIS B 7 -8.46 -8.23 -5.19
N PRO B 8 -9.00 -9.34 -4.67
CA PRO B 8 -8.52 -9.84 -3.38
C PRO B 8 -7.09 -10.31 -3.45
N SER B 9 -6.41 -10.25 -2.31
CA SER B 9 -5.04 -10.74 -2.20
C SER B 9 -5.06 -12.27 -2.03
C4 8ET C . -9.79 0.88 6.77
C5 8ET C . -10.78 1.68 6.29
C6 8ET C . -10.98 2.94 6.87
N1 8ET C . -7.68 -0.74 7.89
C7 8ET C . -7.93 0.56 8.42
C8 8ET C . -7.18 1.08 9.47
N2 8ET C . -5.54 -4.97 7.16
C9 8ET C . -6.52 -1.43 7.98
C10 8ET C . -6.52 -2.77 7.33
C11 8ET C . -7.41 -3.09 6.31
C12 8ET C . -7.35 -4.35 5.73
C13 8ET C . -6.41 -5.24 6.18
C14 8ET C . -5.60 -3.75 7.71
O 8ET C . -5.51 -1.00 8.54
C 8ET C . -7.46 2.34 9.96
C3 8ET C . -8.99 1.32 7.85
N 8ET C . -10.26 3.41 7.89
C2 8ET C . -9.27 2.61 8.38
C1 8ET C . -8.48 3.10 9.44
H2 8ET C . -9.64 -0.09 6.30
H3 8ET C . -11.41 1.37 5.46
H4 8ET C . -11.75 3.61 6.52
H6 8ET C . -8.46 -1.16 7.42
H5 8ET C . -6.38 0.50 9.90
H7 8ET C . -8.14 -2.38 5.97
H8 8ET C . -8.05 -4.61 4.93
H9 8ET C . -6.32 -6.24 5.75
H10 8ET C . -4.88 -3.58 8.50
H 8ET C . -6.85 2.73 10.78
H1 8ET C . -8.69 4.08 9.85
C1 GOL D . -3.90 -4.09 -22.04
O1 GOL D . -2.65 -4.64 -22.35
C2 GOL D . -3.72 -2.69 -21.46
O2 GOL D . -2.63 -2.04 -22.07
C3 GOL D . -5.00 -1.88 -21.69
O3 GOL D . -4.90 -0.66 -20.99
H11 GOL D . -4.41 -4.72 -21.32
H12 GOL D . -4.52 -4.04 -22.94
HO1 GOL D . -2.76 -5.57 -22.66
H2 GOL D . -3.55 -2.77 -20.40
HO2 GOL D . -2.80 -1.93 -23.03
H31 GOL D . -5.86 -2.44 -21.32
H32 GOL D . -5.14 -1.69 -22.75
HO3 GOL D . -4.41 -0.01 -21.54
#